data_3IO5
#
_entry.id   3IO5
#
_cell.length_a   95.974
_cell.length_b   95.974
_cell.length_c   131.274
_cell.angle_alpha   90.000
_cell.angle_beta   90.000
_cell.angle_gamma   120.000
#
_symmetry.space_group_name_H-M   'P 61'
#
loop_
_entity.id
_entity.type
_entity.pdbx_description
1 polymer 'Recombination and repair protein'
2 non-polymer 'PHOSPHATE ION'
3 water water
#
_entity_poly.entity_id   1
_entity_poly.type   'polypeptide(L)'
_entity_poly.pdbx_seq_one_letter_code
;GSHMDVVRTKIPMMNIALSGEITGGMQSGLLILAGPSKSFKSNFGLTMVSSYMRQYPDAVCLFYDSEFGITPAYLRSMGV
DPERVIHTPVQSLEQLRIDMVNQLDAIERGEKVVVFIDSLGNLASKKETEDALNEKVVSDMTRAKTMKSLFRIVTPYFST
KNIPCIAINHTYETQEMFSKTVMGGGTGPMYSADTVFIIGKRQIKDGSDLQGYQFVLNVEKSRTVKEKSKFFIDVKFDGG
IDPYSGLLDMALELGFVVKPKNGWYAREFLDEETGEMIREEKSWRAKDTNCTTFWGPLFKHQPFRDAIKRAYQLGAIDSN
EIVEAEVDELINS
;
_entity_poly.pdbx_strand_id   A,B
#
loop_
_chem_comp.id
_chem_comp.type
_chem_comp.name
_chem_comp.formula
PO4 non-polymer 'PHOSPHATE ION' 'O4 P -3'
#
# COMPACT_ATOMS: atom_id res chain seq x y z
N VAL A 6 -6.39 21.87 -9.86
CA VAL A 6 -5.57 20.66 -10.17
C VAL A 6 -5.62 19.65 -9.03
N VAL A 7 -6.04 18.41 -9.32
CA VAL A 7 -5.99 17.29 -8.36
C VAL A 7 -5.09 16.15 -8.86
N ARG A 8 -3.83 16.19 -8.47
CA ARG A 8 -2.88 15.17 -8.92
C ARG A 8 -2.74 14.01 -7.94
N THR A 9 -2.34 12.85 -8.45
CA THR A 9 -2.07 11.69 -7.62
C THR A 9 -0.59 11.60 -7.21
N LYS A 10 -0.22 10.55 -6.50
CA LYS A 10 1.18 10.35 -6.16
C LYS A 10 1.98 9.66 -7.29
N ILE A 11 1.29 9.15 -8.29
CA ILE A 11 1.95 8.45 -9.39
C ILE A 11 2.07 9.36 -10.63
N PRO A 12 3.28 9.84 -10.92
CA PRO A 12 3.45 10.76 -12.06
C PRO A 12 2.93 10.17 -13.37
N MET A 13 3.14 8.89 -13.60
CA MET A 13 2.56 8.18 -14.73
C MET A 13 1.04 8.17 -14.77
N MET A 14 0.40 8.15 -13.62
CA MET A 14 -1.04 8.35 -13.64
C MET A 14 -1.49 9.75 -14.01
N ASN A 15 -0.82 10.74 -13.43
CA ASN A 15 -1.06 12.13 -13.78
C ASN A 15 -0.90 12.36 -15.31
N ILE A 16 0.04 11.66 -15.94
CA ILE A 16 0.27 11.85 -17.35
C ILE A 16 -0.90 11.24 -18.11
N ALA A 17 -1.30 10.02 -17.70
CA ALA A 17 -2.38 9.29 -18.35
C ALA A 17 -3.68 10.08 -18.25
N LEU A 18 -3.85 10.77 -17.13
CA LEU A 18 -5.01 11.59 -16.87
C LEU A 18 -5.01 12.93 -17.58
N SER A 19 -3.87 13.62 -17.67
CA SER A 19 -3.87 15.03 -18.09
C SER A 19 -2.85 15.42 -19.18
N GLY A 20 -1.96 14.50 -19.53
CA GLY A 20 -0.93 14.73 -20.53
C GLY A 20 0.34 15.33 -19.95
N GLU A 21 0.36 15.63 -18.65
CA GLU A 21 1.49 16.29 -18.02
C GLU A 21 1.81 15.79 -16.59
N ILE A 22 3.10 15.83 -16.25
CA ILE A 22 3.61 15.39 -14.99
C ILE A 22 2.90 16.10 -13.85
N THR A 23 2.50 17.33 -14.11
CA THR A 23 1.96 18.15 -13.06
C THR A 23 0.43 18.22 -13.09
N GLY A 24 -0.20 17.41 -13.93
CA GLY A 24 -1.64 17.46 -14.10
C GLY A 24 -2.30 16.39 -13.26
N GLY A 25 -3.58 16.24 -13.44
CA GLY A 25 -4.32 15.33 -12.60
C GLY A 25 -5.72 15.10 -13.10
N MET A 26 -6.56 14.62 -12.21
CA MET A 26 -7.85 14.11 -12.62
C MET A 26 -8.77 15.28 -12.91
N GLN A 27 -9.73 15.06 -13.79
CA GLN A 27 -10.69 16.11 -14.16
C GLN A 27 -12.05 15.70 -13.77
N SER A 28 -12.93 16.68 -13.74
CA SER A 28 -14.35 16.38 -13.71
C SER A 28 -14.74 15.53 -14.94
N GLY A 29 -15.85 14.79 -14.84
CA GLY A 29 -16.29 13.87 -15.84
C GLY A 29 -16.31 12.40 -15.40
N LEU A 30 -16.78 11.56 -16.29
CA LEU A 30 -16.78 10.17 -16.07
C LEU A 30 -15.55 9.50 -16.62
N LEU A 31 -14.81 8.84 -15.74
CA LEU A 31 -13.68 7.98 -16.10
C LEU A 31 -14.03 6.52 -15.87
N ILE A 32 -13.83 5.70 -16.88
CA ILE A 32 -14.10 4.29 -16.76
C ILE A 32 -12.76 3.62 -16.70
N LEU A 33 -12.59 2.73 -15.74
CA LEU A 33 -11.41 1.88 -15.64
C LEU A 33 -11.90 0.50 -15.99
N ALA A 34 -11.47 -0.03 -17.13
CA ALA A 34 -12.00 -1.28 -17.64
C ALA A 34 -10.91 -2.28 -17.86
N GLY A 35 -11.23 -3.56 -17.79
CA GLY A 35 -10.21 -4.56 -18.02
C GLY A 35 -10.54 -5.82 -17.28
N PRO A 36 -9.74 -6.90 -17.46
CA PRO A 36 -10.08 -8.16 -16.74
C PRO A 36 -10.04 -7.89 -15.22
N SER A 37 -10.79 -8.66 -14.45
CA SER A 37 -10.76 -8.47 -12.99
C SER A 37 -9.39 -8.92 -12.46
N LYS A 38 -9.02 -8.45 -11.27
CA LYS A 38 -7.69 -8.69 -10.66
C LYS A 38 -6.53 -8.00 -11.40
N SER A 39 -6.78 -6.81 -11.97
CA SER A 39 -5.71 -5.98 -12.55
C SER A 39 -5.50 -4.72 -11.75
N PHE A 40 -5.94 -4.71 -10.49
CA PHE A 40 -5.78 -3.53 -9.63
C PHE A 40 -6.54 -2.29 -10.06
N LYS A 41 -7.60 -2.45 -10.84
CA LYS A 41 -8.45 -1.30 -11.28
C LYS A 41 -9.07 -0.57 -10.11
N SER A 42 -9.75 -1.29 -9.21
CA SER A 42 -10.31 -0.55 -8.07
C SER A 42 -9.31 0.05 -7.14
N ASN A 43 -8.09 -0.48 -7.04
CA ASN A 43 -7.01 0.26 -6.32
C ASN A 43 -6.56 1.54 -6.94
N PHE A 44 -6.40 1.50 -8.26
CA PHE A 44 -6.13 2.74 -8.99
C PHE A 44 -7.25 3.68 -8.77
N GLY A 45 -8.48 3.20 -8.86
CA GLY A 45 -9.65 4.06 -8.61
C GLY A 45 -9.55 4.71 -7.24
N LEU A 46 -9.19 3.90 -6.24
CA LEU A 46 -9.17 4.39 -4.85
C LEU A 46 -8.03 5.35 -4.62
N THR A 47 -6.90 5.12 -5.26
CA THR A 47 -5.82 6.09 -5.20
C THR A 47 -6.33 7.47 -5.63
N MET A 48 -7.13 7.49 -6.71
CA MET A 48 -7.68 8.73 -7.22
C MET A 48 -8.65 9.34 -6.25
N VAL A 49 -9.56 8.54 -5.68
CA VAL A 49 -10.50 9.02 -4.69
C VAL A 49 -9.72 9.60 -3.50
N SER A 50 -8.65 8.90 -3.12
CA SER A 50 -7.92 9.28 -1.96
C SER A 50 -7.26 10.63 -2.20
N SER A 51 -6.61 10.77 -3.35
CA SER A 51 -6.00 12.07 -3.71
C SER A 51 -7.02 13.23 -3.67
N TYR A 52 -8.19 12.98 -4.19
CA TYR A 52 -9.26 13.98 -4.20
C TYR A 52 -9.64 14.34 -2.76
N MET A 53 -9.83 13.32 -1.93
CA MET A 53 -10.23 13.59 -0.59
C MET A 53 -9.16 14.17 0.35
N ARG A 54 -7.91 14.06 -0.06
CA ARG A 54 -6.81 14.64 0.66
C ARG A 54 -6.62 16.10 0.23
N GLN A 55 -6.79 16.34 -1.07
CA GLN A 55 -6.82 17.70 -1.59
C GLN A 55 -7.97 18.53 -0.97
N TYR A 56 -9.14 17.92 -0.85
CA TYR A 56 -10.29 18.60 -0.27
C TYR A 56 -10.74 17.91 1.01
N PRO A 57 -10.22 18.37 2.17
CA PRO A 57 -10.66 17.80 3.45
C PRO A 57 -12.17 17.89 3.59
N ASP A 58 -12.71 18.79 2.81
CA ASP A 58 -14.09 19.16 2.69
C ASP A 58 -14.95 18.04 2.04
N ALA A 59 -14.31 17.23 1.20
CA ALA A 59 -14.99 16.36 0.22
C ALA A 59 -15.66 15.12 0.81
N VAL A 60 -16.68 14.61 0.12
CA VAL A 60 -17.26 13.33 0.41
C VAL A 60 -17.18 12.49 -0.84
N CYS A 61 -17.33 11.18 -0.69
CA CYS A 61 -17.26 10.28 -1.80
C CYS A 61 -18.55 9.61 -1.80
N LEU A 62 -19.24 9.64 -2.95
CA LEU A 62 -20.43 8.87 -3.07
C LEU A 62 -20.01 7.57 -3.64
N PHE A 63 -20.17 6.51 -2.88
CA PHE A 63 -19.62 5.19 -3.26
C PHE A 63 -20.76 4.24 -3.51
N TYR A 64 -20.96 3.88 -4.78
CA TYR A 64 -21.99 2.97 -5.17
C TYR A 64 -21.34 1.65 -5.32
N ASP A 65 -21.87 0.66 -4.63
CA ASP A 65 -21.09 -0.56 -4.41
C ASP A 65 -21.90 -1.73 -4.80
N SER A 66 -21.39 -2.56 -5.67
CA SER A 66 -22.13 -3.73 -5.97
C SER A 66 -21.24 -4.94 -5.76
N GLU A 67 -20.00 -4.70 -5.36
CA GLU A 67 -19.05 -5.80 -5.17
C GLU A 67 -18.83 -6.15 -3.68
N PHE A 68 -18.93 -5.16 -2.80
CA PHE A 68 -18.70 -5.37 -1.35
C PHE A 68 -17.28 -5.90 -1.07
N GLY A 69 -16.29 -5.46 -1.81
CA GLY A 69 -14.92 -5.79 -1.48
C GLY A 69 -14.19 -4.65 -0.79
N ILE A 70 -14.75 -3.46 -0.83
CA ILE A 70 -14.10 -2.32 -0.28
C ILE A 70 -14.81 -2.00 1.02
N THR A 71 -14.09 -2.12 2.14
CA THR A 71 -14.64 -1.94 3.48
C THR A 71 -13.98 -0.69 4.09
N PRO A 72 -14.48 -0.25 5.23
CA PRO A 72 -13.73 0.78 6.00
C PRO A 72 -12.21 0.54 6.17
N ALA A 73 -11.78 -0.64 6.60
CA ALA A 73 -10.35 -0.97 6.71
C ALA A 73 -9.63 -0.86 5.39
N TYR A 74 -10.23 -1.34 4.31
CA TYR A 74 -9.59 -1.28 3.04
C TYR A 74 -9.39 0.22 2.66
N LEU A 75 -10.46 0.99 2.76
CA LEU A 75 -10.40 2.45 2.57
C LEU A 75 -9.34 3.12 3.42
N ARG A 76 -9.26 2.75 4.70
CA ARG A 76 -8.25 3.44 5.52
C ARG A 76 -6.90 3.09 4.99
N SER A 77 -6.70 1.84 4.57
CA SER A 77 -5.35 1.52 4.12
C SER A 77 -4.96 2.19 2.81
N MET A 78 -5.97 2.63 2.06
CA MET A 78 -5.80 3.40 0.83
C MET A 78 -5.83 4.91 1.15
N GLY A 79 -5.88 5.26 2.44
CA GLY A 79 -5.92 6.65 2.91
C GLY A 79 -7.24 7.37 2.61
N VAL A 80 -8.34 6.65 2.51
CA VAL A 80 -9.66 7.27 2.37
C VAL A 80 -10.35 7.20 3.73
N ASP A 81 -10.78 8.36 4.24
CA ASP A 81 -11.58 8.43 5.44
C ASP A 81 -13.03 7.92 5.23
N PRO A 82 -13.36 6.74 5.82
CA PRO A 82 -14.71 6.16 5.68
C PRO A 82 -15.80 7.07 6.23
N GLU A 83 -15.46 7.99 7.11
CA GLU A 83 -16.46 8.87 7.71
C GLU A 83 -17.02 9.85 6.67
N ARG A 84 -16.24 10.07 5.62
CA ARG A 84 -16.61 10.92 4.52
C ARG A 84 -16.99 10.12 3.30
N VAL A 85 -17.35 8.85 3.50
CA VAL A 85 -17.78 8.05 2.38
C VAL A 85 -19.26 7.74 2.57
N ILE A 86 -20.12 8.12 1.59
CA ILE A 86 -21.55 7.83 1.62
C ILE A 86 -21.71 6.56 0.82
N HIS A 87 -22.09 5.48 1.48
CA HIS A 87 -22.05 4.14 0.89
C HIS A 87 -23.47 3.78 0.43
N THR A 88 -23.63 3.42 -0.84
CA THR A 88 -24.89 2.97 -1.35
C THR A 88 -24.68 1.63 -2.05
N PRO A 89 -25.10 0.54 -1.40
CA PRO A 89 -25.11 -0.75 -2.10
C PRO A 89 -26.07 -0.70 -3.29
N VAL A 90 -25.73 -1.29 -4.42
CA VAL A 90 -26.67 -1.24 -5.56
C VAL A 90 -26.79 -2.60 -6.17
N GLN A 91 -28.01 -2.98 -6.57
CA GLN A 91 -28.22 -4.30 -7.18
C GLN A 91 -28.67 -4.27 -8.66
N SER A 92 -28.85 -3.07 -9.22
CA SER A 92 -29.28 -2.94 -10.63
C SER A 92 -28.92 -1.57 -11.15
N LEU A 93 -28.85 -1.45 -12.48
CA LEU A 93 -28.55 -0.18 -13.14
C LEU A 93 -29.67 0.83 -12.85
N GLU A 94 -30.92 0.39 -12.85
CA GLU A 94 -32.05 1.27 -12.61
C GLU A 94 -31.94 1.96 -11.23
N GLN A 95 -31.63 1.16 -10.21
CA GLN A 95 -31.45 1.66 -8.89
C GLN A 95 -30.20 2.56 -8.86
N LEU A 96 -29.12 2.14 -9.55
CA LEU A 96 -27.92 2.99 -9.65
C LEU A 96 -28.30 4.38 -10.22
N ARG A 97 -29.08 4.38 -11.31
CA ARG A 97 -29.49 5.63 -11.89
C ARG A 97 -30.33 6.50 -10.97
N ILE A 98 -31.33 5.91 -10.35
CA ILE A 98 -32.25 6.66 -9.50
C ILE A 98 -31.52 7.30 -8.32
N ASP A 99 -30.69 6.53 -7.63
CA ASP A 99 -29.92 7.07 -6.51
C ASP A 99 -28.89 8.09 -6.94
N MET A 100 -28.16 7.85 -8.06
CA MET A 100 -27.16 8.84 -8.50
C MET A 100 -27.81 10.17 -8.81
N VAL A 101 -28.90 10.11 -9.58
CA VAL A 101 -29.63 11.32 -9.99
C VAL A 101 -30.14 12.09 -8.79
N ASN A 102 -30.80 11.40 -7.86
CA ASN A 102 -31.22 12.10 -6.63
C ASN A 102 -30.06 12.80 -5.91
N GLN A 103 -28.96 12.09 -5.68
CA GLN A 103 -27.79 12.72 -5.03
C GLN A 103 -27.09 13.79 -5.87
N LEU A 104 -26.98 13.58 -7.18
CA LEU A 104 -26.27 14.57 -8.03
C LEU A 104 -27.09 15.85 -8.08
N ASP A 105 -28.39 15.67 -8.06
CA ASP A 105 -29.27 16.80 -8.06
C ASP A 105 -29.22 17.58 -6.74
N ALA A 106 -28.95 16.93 -5.60
CA ALA A 106 -28.91 17.61 -4.29
C ALA A 106 -27.59 18.35 -4.08
N ILE A 107 -26.67 18.24 -5.04
CA ILE A 107 -25.35 18.82 -4.94
C ILE A 107 -25.29 20.15 -5.66
N GLU A 108 -24.52 21.08 -5.11
CA GLU A 108 -24.31 22.36 -5.75
C GLU A 108 -22.91 22.49 -6.32
N ARG A 109 -22.82 23.20 -7.43
CA ARG A 109 -21.57 23.58 -8.06
C ARG A 109 -20.69 24.24 -7.01
N GLY A 110 -19.46 23.76 -6.92
CA GLY A 110 -18.52 24.22 -5.89
C GLY A 110 -18.29 23.24 -4.77
N GLU A 111 -19.29 22.42 -4.45
CA GLU A 111 -19.12 21.37 -3.44
C GLU A 111 -18.17 20.29 -3.94
N LYS A 112 -17.37 19.75 -3.04
CA LYS A 112 -16.39 18.77 -3.42
C LYS A 112 -16.97 17.39 -3.20
N VAL A 113 -17.02 16.60 -4.26
CA VAL A 113 -17.68 15.33 -4.29
C VAL A 113 -16.99 14.56 -5.40
N VAL A 114 -16.55 13.34 -5.07
CA VAL A 114 -16.03 12.41 -6.02
C VAL A 114 -16.98 11.21 -5.98
N VAL A 115 -17.32 10.68 -7.14
CA VAL A 115 -18.19 9.52 -7.23
C VAL A 115 -17.33 8.30 -7.58
N PHE A 116 -17.56 7.16 -6.92
CA PHE A 116 -16.76 5.98 -7.24
C PHE A 116 -17.77 4.87 -7.33
N ILE A 117 -17.76 4.11 -8.43
CA ILE A 117 -18.68 3.06 -8.63
C ILE A 117 -17.92 1.77 -8.77
N ASP A 118 -18.18 0.83 -7.87
CA ASP A 118 -17.48 -0.45 -7.94
C ASP A 118 -18.40 -1.65 -7.87
N SER A 119 -19.14 -1.80 -8.95
CA SER A 119 -18.60 -2.00 -10.30
C SER A 119 -19.80 -1.98 -11.26
N LEU A 120 -19.60 -1.64 -12.53
CA LEU A 120 -20.73 -1.52 -13.44
C LEU A 120 -21.16 -2.81 -14.04
N GLY A 121 -20.21 -3.68 -14.34
CA GLY A 121 -20.45 -4.84 -15.21
C GLY A 121 -21.26 -5.97 -14.60
N ASN A 122 -21.54 -5.94 -13.30
CA ASN A 122 -22.24 -7.07 -12.68
C ASN A 122 -23.67 -6.71 -12.30
N LEU A 123 -24.09 -5.49 -12.64
CA LEU A 123 -25.45 -5.04 -12.39
C LEU A 123 -26.44 -5.43 -13.52
N ALA A 124 -27.55 -6.08 -13.16
CA ALA A 124 -28.72 -6.28 -14.06
C ALA A 124 -29.41 -4.94 -14.37
N SER A 125 -30.09 -4.84 -15.50
CA SER A 125 -30.86 -3.64 -15.84
C SER A 125 -31.80 -3.22 -14.71
N LYS A 126 -32.44 -4.21 -14.09
CA LYS A 126 -33.54 -4.03 -13.16
C LYS A 126 -33.51 -5.30 -12.32
N MET A 141 -29.45 -8.81 -20.76
CA MET A 141 -29.88 -8.67 -22.15
C MET A 141 -29.95 -7.22 -22.61
N THR A 142 -30.85 -6.45 -22.00
CA THR A 142 -30.94 -5.02 -22.30
C THR A 142 -29.87 -4.20 -21.59
N ARG A 143 -28.80 -4.88 -21.12
CA ARG A 143 -27.80 -4.25 -20.22
C ARG A 143 -26.97 -3.17 -20.88
N ALA A 144 -26.51 -3.42 -22.11
CA ALA A 144 -25.69 -2.44 -22.79
C ALA A 144 -26.48 -1.15 -22.95
N LYS A 145 -27.76 -1.28 -23.37
CA LYS A 145 -28.66 -0.13 -23.61
C LYS A 145 -28.87 0.67 -22.35
N THR A 146 -29.23 -0.01 -21.27
CA THR A 146 -29.42 0.65 -20.00
C THR A 146 -28.17 1.30 -19.44
N MET A 147 -27.01 0.70 -19.70
CA MET A 147 -25.74 1.28 -19.26
C MET A 147 -25.47 2.57 -20.08
N LYS A 148 -25.64 2.50 -21.39
CA LYS A 148 -25.52 3.70 -22.21
C LYS A 148 -26.42 4.83 -21.75
N SER A 149 -27.69 4.56 -21.51
CA SER A 149 -28.49 5.65 -21.11
C SER A 149 -28.28 6.12 -19.63
N LEU A 150 -27.70 5.27 -18.79
CA LEU A 150 -27.27 5.73 -17.51
C LEU A 150 -26.17 6.75 -17.73
N PHE A 151 -25.23 6.46 -18.63
CA PHE A 151 -24.15 7.41 -18.79
C PHE A 151 -24.65 8.76 -19.32
N ARG A 152 -25.62 8.71 -20.22
CA ARG A 152 -26.05 9.94 -20.88
C ARG A 152 -26.86 10.73 -19.87
N ILE A 153 -27.55 10.02 -18.97
CA ILE A 153 -28.23 10.70 -17.89
C ILE A 153 -27.29 11.33 -16.83
N VAL A 154 -26.19 10.68 -16.43
CA VAL A 154 -25.42 11.24 -15.31
C VAL A 154 -24.31 12.19 -15.74
N THR A 155 -23.74 11.94 -16.91
CA THR A 155 -22.56 12.74 -17.32
C THR A 155 -22.74 14.26 -17.30
N PRO A 156 -23.94 14.79 -17.70
CA PRO A 156 -24.10 16.25 -17.64
C PRO A 156 -23.97 16.78 -16.22
N TYR A 157 -24.38 16.01 -15.22
CA TYR A 157 -24.26 16.45 -13.82
C TYR A 157 -22.82 16.59 -13.48
N PHE A 158 -22.00 15.63 -13.88
CA PHE A 158 -20.55 15.71 -13.59
C PHE A 158 -19.94 16.97 -14.12
N SER A 159 -20.41 17.38 -15.28
CA SER A 159 -19.83 18.52 -15.97
C SER A 159 -20.39 19.83 -15.42
N THR A 160 -21.70 19.90 -15.28
CA THR A 160 -22.35 21.04 -14.62
C THR A 160 -21.84 21.27 -13.18
N LYS A 161 -21.85 20.22 -12.35
CA LYS A 161 -21.48 20.34 -10.94
C LYS A 161 -19.97 20.23 -10.75
N ASN A 162 -19.25 19.98 -11.85
CA ASN A 162 -17.78 19.92 -11.82
C ASN A 162 -17.18 18.88 -10.87
N ILE A 163 -17.65 17.65 -10.96
CA ILE A 163 -17.11 16.62 -10.16
C ILE A 163 -16.64 15.41 -10.97
N PRO A 164 -15.65 14.65 -10.44
CA PRO A 164 -15.18 13.44 -11.10
C PRO A 164 -15.95 12.20 -10.71
N CYS A 165 -16.02 11.22 -11.62
CA CYS A 165 -16.68 10.00 -11.31
C CYS A 165 -15.79 8.95 -11.90
N ILE A 166 -15.46 7.97 -11.06
CA ILE A 166 -14.54 6.92 -11.45
C ILE A 166 -15.37 5.66 -11.37
N ALA A 167 -15.45 4.94 -12.47
CA ALA A 167 -16.31 3.78 -12.47
C ALA A 167 -15.44 2.63 -12.87
N ILE A 168 -15.60 1.50 -12.20
CA ILE A 168 -14.89 0.26 -12.54
C ILE A 168 -15.77 -0.62 -13.39
N ASN A 169 -15.18 -1.30 -14.35
CA ASN A 169 -15.95 -2.15 -15.23
C ASN A 169 -15.08 -3.34 -15.58
N HIS A 170 -15.36 -4.49 -14.98
CA HIS A 170 -14.57 -5.69 -15.25
C HIS A 170 -15.01 -6.27 -16.56
N THR A 171 -14.05 -6.50 -17.44
CA THR A 171 -14.22 -7.07 -18.77
C THR A 171 -14.22 -8.58 -18.70
N THR A 187 -19.28 3.41 -30.70
CA THR A 187 -20.75 3.53 -30.50
C THR A 187 -21.18 2.86 -29.17
N GLY A 188 -20.23 2.15 -28.54
CA GLY A 188 -20.52 1.34 -27.30
C GLY A 188 -20.76 2.25 -26.11
N PRO A 189 -21.45 1.74 -25.06
CA PRO A 189 -21.77 2.55 -23.88
C PRO A 189 -20.60 3.40 -23.39
N MET A 190 -19.40 2.85 -23.46
CA MET A 190 -18.26 3.47 -22.80
C MET A 190 -17.76 4.63 -23.64
N TYR A 191 -18.29 4.82 -24.82
CA TYR A 191 -17.99 6.07 -25.47
C TYR A 191 -18.83 7.27 -24.94
N SER A 192 -19.87 7.03 -24.15
CA SER A 192 -20.52 8.17 -23.46
C SER A 192 -19.74 8.72 -22.24
N ALA A 193 -18.63 8.10 -21.93
CA ALA A 193 -17.77 8.54 -20.85
C ALA A 193 -16.83 9.58 -21.37
N ASP A 194 -16.26 10.40 -20.48
CA ASP A 194 -15.23 11.36 -20.94
C ASP A 194 -13.83 10.75 -21.13
N THR A 195 -13.52 9.71 -20.35
CA THR A 195 -12.19 9.06 -20.39
C THR A 195 -12.39 7.55 -20.18
N VAL A 196 -11.63 6.75 -20.93
CA VAL A 196 -11.66 5.30 -20.78
C VAL A 196 -10.21 4.77 -20.73
N PHE A 197 -9.84 4.16 -19.60
CA PHE A 197 -8.55 3.43 -19.42
C PHE A 197 -8.85 1.94 -19.53
N ILE A 198 -8.10 1.21 -20.33
CA ILE A 198 -8.27 -0.21 -20.45
C ILE A 198 -6.96 -0.77 -19.91
N ILE A 199 -7.06 -1.66 -18.95
CA ILE A 199 -5.89 -2.02 -18.20
C ILE A 199 -5.65 -3.48 -18.44
N GLY A 200 -4.39 -3.86 -18.63
CA GLY A 200 -4.09 -5.28 -18.85
C GLY A 200 -2.77 -5.68 -18.25
N LYS A 201 -2.48 -6.98 -18.32
CA LYS A 201 -1.22 -7.56 -17.85
C LYS A 201 -0.20 -7.44 -18.96
N ARG A 202 0.99 -6.93 -18.64
CA ARG A 202 2.11 -6.93 -19.62
C ARG A 202 2.82 -8.28 -19.61
N TYR A 213 1.64 -7.97 -10.96
CA TYR A 213 2.97 -7.38 -11.16
C TYR A 213 3.03 -6.17 -12.16
N GLN A 214 3.20 -6.38 -13.48
CA GLN A 214 3.16 -5.25 -14.45
C GLN A 214 1.86 -5.01 -15.26
N PHE A 215 1.36 -3.79 -15.22
CA PHE A 215 0.15 -3.44 -15.94
C PHE A 215 0.33 -2.42 -17.07
N VAL A 216 -0.41 -2.62 -18.14
CA VAL A 216 -0.42 -1.64 -19.20
C VAL A 216 -1.71 -0.87 -19.14
N LEU A 217 -1.64 0.43 -19.11
CA LEU A 217 -2.88 1.15 -19.28
C LEU A 217 -2.97 1.86 -20.64
N ASN A 218 -4.05 1.55 -21.35
CA ASN A 218 -4.32 1.96 -22.66
C ASN A 218 -5.35 3.05 -22.61
N VAL A 219 -5.00 4.26 -23.08
CA VAL A 219 -5.99 5.33 -23.12
C VAL A 219 -6.91 5.22 -24.35
N GLU A 220 -8.14 4.78 -24.12
CA GLU A 220 -9.05 4.51 -25.23
C GLU A 220 -9.77 5.76 -25.63
N LYS A 221 -10.14 6.57 -24.66
CA LYS A 221 -10.84 7.78 -24.92
C LYS A 221 -10.38 8.77 -23.92
N SER A 222 -10.07 9.96 -24.39
CA SER A 222 -9.67 11.05 -23.52
C SER A 222 -9.96 12.45 -24.11
N ARG A 223 -10.30 13.42 -23.28
CA ARG A 223 -10.28 14.83 -23.69
C ARG A 223 -8.87 15.49 -23.66
N THR A 224 -7.90 14.89 -22.98
CA THR A 224 -6.62 15.56 -22.68
C THR A 224 -5.35 14.88 -23.20
N VAL A 225 -5.47 13.65 -23.71
CA VAL A 225 -4.34 12.76 -23.94
C VAL A 225 -4.52 11.99 -25.20
N LYS A 226 -3.48 11.80 -25.99
CA LYS A 226 -3.64 11.10 -27.28
C LYS A 226 -4.16 9.66 -27.08
N GLU A 227 -5.21 9.32 -27.83
CA GLU A 227 -5.85 8.02 -27.78
C GLU A 227 -4.80 6.97 -28.11
N LYS A 228 -4.86 5.81 -27.44
CA LYS A 228 -3.92 4.69 -27.63
C LYS A 228 -2.56 4.88 -26.99
N SER A 229 -2.35 5.98 -26.28
CA SER A 229 -1.15 6.04 -25.45
C SER A 229 -1.14 4.87 -24.45
N LYS A 230 0.04 4.29 -24.30
CA LYS A 230 0.27 3.19 -23.40
C LYS A 230 1.15 3.61 -22.24
N PHE A 231 0.67 3.43 -21.03
CA PHE A 231 1.50 3.76 -19.87
C PHE A 231 1.73 2.51 -19.03
N PHE A 232 2.92 2.39 -18.47
CA PHE A 232 3.28 1.23 -17.64
C PHE A 232 3.05 1.46 -16.14
N ILE A 233 2.21 0.62 -15.55
CA ILE A 233 1.95 0.70 -14.13
C ILE A 233 2.48 -0.58 -13.42
N ASP A 234 3.44 -0.40 -12.53
CA ASP A 234 3.93 -1.48 -11.67
C ASP A 234 3.19 -1.63 -10.33
N VAL A 235 2.80 -2.88 -10.04
CA VAL A 235 2.39 -3.25 -8.68
C VAL A 235 3.30 -4.37 -8.09
N LYS A 236 4.07 -3.99 -7.06
CA LYS A 236 5.00 -4.91 -6.38
C LYS A 236 4.26 -6.13 -5.77
N PHE A 237 4.98 -7.22 -5.54
CA PHE A 237 4.40 -8.43 -4.95
C PHE A 237 3.68 -8.20 -3.61
N ASP A 238 4.06 -7.13 -2.88
CA ASP A 238 3.43 -6.72 -1.59
C ASP A 238 2.12 -6.00 -1.80
N GLY A 239 1.60 -6.13 -3.03
CA GLY A 239 0.49 -5.31 -3.54
C GLY A 239 0.78 -3.82 -3.60
N GLY A 240 2.05 -3.43 -3.55
CA GLY A 240 2.43 -2.00 -3.62
C GLY A 240 2.54 -1.40 -5.02
N ILE A 241 1.78 -0.30 -5.22
CA ILE A 241 1.60 0.43 -6.46
C ILE A 241 2.71 1.49 -6.76
N ASP A 242 3.79 1.06 -7.41
CA ASP A 242 5.00 1.88 -7.58
C ASP A 242 4.76 3.34 -8.08
N PRO A 243 5.20 4.33 -7.27
CA PRO A 243 5.00 5.68 -7.78
C PRO A 243 6.06 6.01 -8.84
N TYR A 244 7.04 5.14 -9.02
CA TYR A 244 8.01 5.34 -10.09
C TYR A 244 7.71 4.58 -11.39
N SER A 245 6.56 3.92 -11.45
CA SER A 245 6.07 3.23 -12.63
C SER A 245 6.31 4.00 -13.92
N GLY A 246 6.96 3.32 -14.86
CA GLY A 246 7.07 3.76 -16.25
C GLY A 246 7.98 4.94 -16.48
N LEU A 247 8.44 5.59 -15.40
CA LEU A 247 9.27 6.77 -15.60
C LEU A 247 10.54 6.50 -16.38
N LEU A 248 11.26 5.45 -15.98
CA LEU A 248 12.53 5.14 -16.60
C LEU A 248 12.44 4.79 -18.10
N ASP A 249 11.47 3.97 -18.49
CA ASP A 249 11.20 3.67 -19.90
C ASP A 249 10.92 4.95 -20.72
N MET A 250 9.93 5.72 -20.29
CA MET A 250 9.54 6.99 -20.88
C MET A 250 10.73 7.95 -21.02
N ALA A 251 11.50 8.12 -19.95
CA ALA A 251 12.61 9.02 -20.04
C ALA A 251 13.59 8.52 -21.08
N LEU A 252 13.64 7.19 -21.25
CA LEU A 252 14.52 6.53 -22.25
C LEU A 252 14.04 6.80 -23.67
N GLU A 253 12.72 6.80 -23.88
CA GLU A 253 12.14 7.21 -25.14
C GLU A 253 12.33 8.70 -25.42
N LEU A 254 12.21 9.51 -24.37
CA LEU A 254 12.29 10.96 -24.52
C LEU A 254 13.71 11.46 -24.60
N GLY A 255 14.66 10.56 -24.37
CA GLY A 255 16.05 10.95 -24.55
C GLY A 255 16.74 11.40 -23.27
N PHE A 256 15.96 11.74 -22.24
CA PHE A 256 16.53 12.30 -21.00
C PHE A 256 17.25 11.28 -20.06
N VAL A 257 17.08 9.99 -20.37
CA VAL A 257 17.92 8.95 -19.81
C VAL A 257 18.49 8.06 -20.92
N VAL A 258 19.79 7.75 -20.84
CA VAL A 258 20.47 6.82 -21.77
C VAL A 258 21.20 5.66 -21.03
N LYS A 259 21.80 4.76 -21.80
CA LYS A 259 22.39 3.54 -21.26
C LYS A 259 23.84 3.42 -21.68
N PRO A 260 24.78 3.93 -20.85
CA PRO A 260 26.19 3.79 -21.26
C PRO A 260 26.66 2.33 -21.32
N LYS A 261 26.26 1.52 -20.34
CA LYS A 261 26.54 0.08 -20.34
C LYS A 261 25.23 -0.66 -20.18
N ASN A 262 25.20 -1.93 -20.56
CA ASN A 262 23.99 -2.73 -20.35
C ASN A 262 23.61 -2.85 -18.87
N GLY A 263 22.36 -2.48 -18.56
CA GLY A 263 21.88 -2.54 -17.18
C GLY A 263 22.37 -1.37 -16.34
N TRP A 264 23.16 -0.47 -16.96
CA TRP A 264 23.46 0.84 -16.35
C TRP A 264 22.67 1.97 -17.00
N TYR A 265 22.41 3.04 -16.24
CA TYR A 265 21.58 4.15 -16.67
C TYR A 265 22.18 5.49 -16.31
N ALA A 266 22.11 6.46 -17.24
CA ALA A 266 22.60 7.82 -17.01
C ALA A 266 21.56 8.86 -17.44
N ARG A 267 21.47 9.95 -16.68
CA ARG A 267 20.59 11.05 -17.05
C ARG A 267 21.29 12.00 -18.07
N GLU A 268 20.51 12.64 -18.93
CA GLU A 268 21.04 13.70 -19.83
C GLU A 268 20.18 14.96 -19.73
N PHE A 269 20.82 16.11 -19.57
CA PHE A 269 20.05 17.34 -19.42
C PHE A 269 20.37 18.32 -20.55
N LEU A 270 19.34 18.93 -21.12
CA LEU A 270 19.52 19.93 -22.17
C LEU A 270 19.98 21.28 -21.61
N ASP A 271 21.16 21.73 -22.00
CA ASP A 271 21.66 23.04 -21.59
C ASP A 271 21.22 24.11 -22.59
N GLU A 272 20.34 25.02 -22.14
CA GLU A 272 19.70 26.01 -23.03
C GLU A 272 20.68 26.87 -23.81
N GLU A 273 21.85 27.10 -23.27
CA GLU A 273 22.80 27.98 -23.93
C GLU A 273 23.60 27.34 -25.05
N THR A 274 23.88 26.06 -24.92
CA THR A 274 24.83 25.44 -25.87
C THR A 274 24.16 24.39 -26.75
N GLY A 275 22.87 24.16 -26.47
CA GLY A 275 22.05 23.24 -27.25
C GLY A 275 22.57 21.82 -27.29
N GLU A 276 23.21 21.39 -26.22
CA GLU A 276 23.71 20.02 -26.16
C GLU A 276 23.08 19.27 -24.97
N MET A 277 23.01 17.94 -25.10
CA MET A 277 22.61 17.06 -24.02
C MET A 277 23.88 16.72 -23.25
N ILE A 278 23.89 17.07 -21.97
CA ILE A 278 25.02 16.82 -21.06
C ILE A 278 24.71 15.70 -20.05
N ARG A 279 25.41 14.58 -20.20
CA ARG A 279 25.30 13.42 -19.33
C ARG A 279 25.69 13.87 -17.95
N GLU A 280 25.14 13.24 -16.94
CA GLU A 280 25.74 13.27 -15.60
C GLU A 280 27.00 12.40 -15.62
N GLU A 281 27.91 12.68 -14.69
CA GLU A 281 29.08 11.84 -14.41
C GLU A 281 28.73 10.42 -13.94
N LYS A 282 27.64 10.29 -13.17
CA LYS A 282 27.30 9.03 -12.49
C LYS A 282 26.47 8.02 -13.28
N SER A 283 26.74 6.75 -13.08
CA SER A 283 25.95 5.68 -13.68
C SER A 283 25.13 4.87 -12.64
N TRP A 284 23.82 4.72 -12.87
CA TRP A 284 22.89 4.09 -11.94
C TRP A 284 22.41 2.72 -12.41
N ARG A 285 22.21 1.75 -11.50
CA ARG A 285 21.46 0.53 -11.85
C ARG A 285 19.98 0.90 -11.88
N ALA A 286 19.13 0.11 -12.54
CA ALA A 286 17.70 0.46 -12.56
C ALA A 286 17.11 0.67 -11.17
N LYS A 287 17.50 -0.17 -10.20
CA LYS A 287 16.86 -0.12 -8.86
C LYS A 287 17.22 1.14 -8.04
N ASP A 288 18.38 1.72 -8.30
CA ASP A 288 18.75 2.94 -7.61
C ASP A 288 18.03 4.19 -8.12
N THR A 289 17.27 4.06 -9.22
CA THR A 289 16.62 5.22 -9.83
C THR A 289 15.28 5.52 -9.19
N ASN A 290 14.67 4.52 -8.56
CA ASN A 290 13.41 4.75 -7.88
C ASN A 290 13.58 5.58 -6.59
N CYS A 291 13.98 6.83 -6.75
CA CYS A 291 14.30 7.76 -5.64
C CYS A 291 14.20 9.21 -6.14
N THR A 292 13.87 10.13 -5.24
CA THR A 292 13.72 11.56 -5.57
C THR A 292 15.04 12.26 -5.86
N THR A 293 16.16 11.61 -5.55
CA THR A 293 17.42 12.23 -5.92
C THR A 293 17.63 11.99 -7.41
N PHE A 294 16.97 10.95 -7.94
CA PHE A 294 17.09 10.63 -9.34
C PHE A 294 16.07 11.43 -10.16
N TRP A 295 14.81 11.37 -9.77
CA TRP A 295 13.72 11.97 -10.54
C TRP A 295 13.54 13.45 -10.34
N GLY A 296 13.95 13.92 -9.17
CA GLY A 296 13.73 15.29 -8.80
C GLY A 296 14.38 16.25 -9.78
N PRO A 297 15.66 16.05 -10.14
CA PRO A 297 16.25 17.00 -11.08
C PRO A 297 15.53 17.03 -12.47
N LEU A 298 15.07 15.88 -12.97
CA LEU A 298 14.34 15.78 -14.24
C LEU A 298 12.96 16.46 -14.18
N PHE A 299 12.14 16.08 -13.21
CA PHE A 299 10.87 16.76 -12.95
C PHE A 299 11.01 18.26 -12.91
N LYS A 300 12.14 18.77 -12.43
CA LYS A 300 12.42 20.20 -12.37
C LYS A 300 13.00 20.78 -13.71
N HIS A 301 13.36 19.89 -14.63
CA HIS A 301 13.99 20.28 -15.90
C HIS A 301 12.83 20.50 -16.92
N GLN A 302 12.53 21.77 -17.19
CA GLN A 302 11.43 22.07 -18.13
C GLN A 302 11.42 21.27 -19.44
N PRO A 303 12.59 21.11 -20.09
CA PRO A 303 12.59 20.29 -21.30
C PRO A 303 12.02 18.89 -21.12
N PHE A 304 12.21 18.30 -19.95
CA PHE A 304 11.65 17.00 -19.69
C PHE A 304 10.17 17.14 -19.59
N ARG A 305 9.71 18.14 -18.87
CA ARG A 305 8.26 18.27 -18.76
C ARG A 305 7.64 18.55 -20.13
N ASP A 306 8.33 19.35 -20.96
CA ASP A 306 7.80 19.72 -22.28
C ASP A 306 7.79 18.55 -23.23
N ALA A 307 8.83 17.71 -23.16
CA ALA A 307 8.87 16.53 -24.01
C ALA A 307 7.71 15.55 -23.68
N ILE A 308 7.28 15.51 -22.42
CA ILE A 308 6.14 14.71 -22.01
C ILE A 308 4.85 15.27 -22.58
N LYS A 309 4.57 16.56 -22.35
CA LYS A 309 3.35 17.19 -22.95
C LYS A 309 3.26 17.01 -24.48
N ARG A 310 4.38 17.21 -25.16
CA ARG A 310 4.39 17.16 -26.61
C ARG A 310 4.15 15.74 -27.06
N ALA A 311 4.60 14.78 -26.27
CA ALA A 311 4.44 13.38 -26.64
C ALA A 311 3.02 12.87 -26.39
N TYR A 312 2.30 13.49 -25.45
CA TYR A 312 1.05 12.89 -24.96
C TYR A 312 -0.16 13.79 -24.88
N GLN A 313 0.05 15.08 -24.69
CA GLN A 313 -1.07 15.94 -24.35
C GLN A 313 -1.74 16.47 -25.63
N LEU A 314 -3.08 16.51 -25.61
CA LEU A 314 -3.85 16.99 -26.78
C LEU A 314 -3.79 18.49 -27.00
N GLY A 315 -3.86 18.89 -28.29
CA GLY A 315 -3.99 20.29 -28.76
C GLY A 315 -3.50 21.39 -27.80
N VAL B 6 12.99 -18.68 7.10
CA VAL B 6 13.22 -17.66 8.15
C VAL B 6 12.09 -16.61 8.23
N VAL B 7 11.66 -16.13 7.07
CA VAL B 7 10.50 -15.24 6.90
C VAL B 7 10.63 -13.83 7.40
N ARG B 8 11.40 -13.05 6.64
CA ARG B 8 11.51 -11.61 6.86
C ARG B 8 10.46 -10.92 6.06
N THR B 9 10.31 -9.63 6.34
CA THR B 9 9.39 -8.75 5.64
C THR B 9 10.14 -7.69 4.85
N LYS B 10 9.41 -6.75 4.28
CA LYS B 10 9.99 -5.67 3.48
C LYS B 10 10.33 -4.45 4.34
N ILE B 11 9.89 -4.45 5.59
CA ILE B 11 10.16 -3.34 6.46
C ILE B 11 11.20 -3.81 7.49
N PRO B 12 12.45 -3.31 7.40
CA PRO B 12 13.50 -3.76 8.33
C PRO B 12 13.19 -3.48 9.80
N MET B 13 12.66 -2.30 10.09
CA MET B 13 12.22 -1.98 11.41
C MET B 13 11.28 -3.02 11.94
N MET B 14 10.55 -3.70 11.07
CA MET B 14 9.66 -4.70 11.63
C MET B 14 10.32 -6.04 11.72
N ASN B 15 11.33 -6.29 10.89
CA ASN B 15 12.20 -7.42 11.16
C ASN B 15 13.02 -7.27 12.47
N ILE B 16 13.32 -6.04 12.86
CA ILE B 16 14.03 -5.81 14.08
C ILE B 16 13.09 -6.02 15.29
N ALA B 17 11.90 -5.40 15.26
CA ALA B 17 10.92 -5.66 16.28
C ALA B 17 10.66 -7.17 16.46
N LEU B 18 10.55 -7.92 15.37
CA LEU B 18 10.23 -9.34 15.48
C LEU B 18 11.35 -10.20 15.98
N SER B 19 12.60 -9.87 15.63
CA SER B 19 13.71 -10.78 15.89
C SER B 19 14.97 -10.11 16.47
N GLY B 20 14.98 -8.78 16.52
CA GLY B 20 16.07 -8.04 17.15
C GLY B 20 17.25 -7.76 16.23
N GLU B 21 17.14 -8.23 14.97
CA GLU B 21 18.15 -7.99 13.93
C GLU B 21 17.53 -7.66 12.51
N ILE B 22 18.34 -7.01 11.66
CA ILE B 22 17.92 -6.50 10.37
C ILE B 22 17.56 -7.61 9.41
N THR B 23 18.20 -8.74 9.64
CA THR B 23 18.07 -9.88 8.76
C THR B 23 17.07 -10.95 9.26
N GLY B 24 16.41 -10.70 10.41
CA GLY B 24 15.52 -11.70 10.98
C GLY B 24 14.06 -11.41 10.68
N GLY B 25 13.17 -12.22 11.26
CA GLY B 25 11.77 -12.04 10.99
C GLY B 25 10.90 -12.77 11.97
N MET B 26 9.74 -13.18 11.51
CA MET B 26 8.74 -13.81 12.34
C MET B 26 9.10 -15.25 12.62
N GLN B 27 8.69 -15.70 13.78
CA GLN B 27 8.92 -17.09 14.13
C GLN B 27 7.61 -17.67 14.56
N SER B 28 7.65 -18.97 14.84
CA SER B 28 6.45 -19.68 15.28
C SER B 28 6.02 -19.09 16.63
N GLY B 29 4.74 -19.20 16.95
CA GLY B 29 4.24 -18.61 18.17
C GLY B 29 3.04 -17.71 18.05
N LEU B 30 2.49 -17.34 19.19
CA LEU B 30 1.36 -16.46 19.18
C LEU B 30 1.85 -15.04 19.34
N LEU B 31 1.69 -14.21 18.28
CA LEU B 31 2.06 -12.80 18.34
C LEU B 31 0.81 -11.97 18.49
N ILE B 32 0.74 -11.16 19.53
CA ILE B 32 -0.43 -10.30 19.63
C ILE B 32 -0.11 -8.88 19.16
N LEU B 33 -0.98 -8.35 18.32
CA LEU B 33 -0.88 -6.96 17.91
C LEU B 33 -1.96 -6.21 18.63
N ALA B 34 -1.59 -5.36 19.58
CA ALA B 34 -2.61 -4.71 20.42
C ALA B 34 -2.56 -3.20 20.41
N GLY B 35 -3.70 -2.55 20.60
CA GLY B 35 -3.70 -1.10 20.72
C GLY B 35 -5.02 -0.60 20.19
N PRO B 36 -5.25 0.74 20.19
CA PRO B 36 -6.51 1.32 19.69
C PRO B 36 -6.73 0.97 18.22
N SER B 37 -7.96 0.67 17.86
CA SER B 37 -8.28 0.42 16.47
C SER B 37 -7.95 1.66 15.60
N LYS B 38 -7.83 1.44 14.29
CA LYS B 38 -7.35 2.48 13.33
C LYS B 38 -5.88 2.86 13.58
N SER B 39 -5.11 1.88 14.02
CA SER B 39 -3.67 2.06 14.20
C SER B 39 -2.92 1.24 13.14
N PHE B 40 -3.61 0.72 12.14
CA PHE B 40 -2.91 -0.11 11.14
C PHE B 40 -2.34 -1.47 11.66
N LYS B 41 -2.93 -2.00 12.74
CA LYS B 41 -2.56 -3.34 13.26
C LYS B 41 -2.84 -4.47 12.24
N SER B 42 -4.04 -4.47 11.68
CA SER B 42 -4.32 -5.53 10.76
C SER B 42 -3.52 -5.41 9.47
N ASN B 43 -3.12 -4.21 9.04
CA ASN B 43 -2.21 -4.12 7.89
C ASN B 43 -0.87 -4.60 8.16
N PHE B 44 -0.45 -4.19 9.34
CA PHE B 44 0.79 -4.66 9.85
C PHE B 44 0.76 -6.20 9.94
N GLY B 45 -0.37 -6.75 10.35
CA GLY B 45 -0.50 -8.22 10.49
C GLY B 45 -0.53 -8.90 9.14
N LEU B 46 -1.34 -8.35 8.23
CA LEU B 46 -1.37 -8.79 6.82
C LEU B 46 0.02 -8.73 6.14
N THR B 47 0.84 -7.74 6.46
CA THR B 47 2.16 -7.69 5.85
C THR B 47 2.93 -8.97 6.18
N MET B 48 2.82 -9.44 7.43
CA MET B 48 3.49 -10.69 7.82
C MET B 48 2.85 -11.92 7.19
N VAL B 49 1.54 -11.95 7.12
CA VAL B 49 0.87 -13.08 6.52
C VAL B 49 1.33 -13.20 5.06
N SER B 50 1.56 -12.03 4.46
CA SER B 50 1.87 -11.96 3.07
C SER B 50 3.29 -12.40 2.86
N SER B 51 4.22 -11.93 3.69
CA SER B 51 5.57 -12.45 3.53
C SER B 51 5.61 -13.99 3.76
N TYR B 52 4.80 -14.51 4.67
CA TYR B 52 4.87 -15.95 4.99
C TYR B 52 4.42 -16.75 3.79
N MET B 53 3.30 -16.32 3.23
CA MET B 53 2.75 -16.96 2.04
C MET B 53 3.59 -16.78 0.76
N ARG B 54 4.37 -15.72 0.70
CA ARG B 54 5.29 -15.47 -0.42
C ARG B 54 6.48 -16.41 -0.34
N GLN B 55 7.12 -16.46 0.84
CA GLN B 55 8.20 -17.41 1.08
C GLN B 55 7.76 -18.89 0.92
N TYR B 56 6.52 -19.21 1.28
CA TYR B 56 6.01 -20.57 1.12
C TYR B 56 4.77 -20.66 0.21
N PRO B 57 4.98 -20.68 -1.13
CA PRO B 57 3.83 -20.70 -2.08
C PRO B 57 2.94 -21.90 -1.73
N ASP B 58 3.52 -22.71 -0.85
CA ASP B 58 2.96 -23.86 -0.21
C ASP B 58 1.81 -23.50 0.76
N ALA B 59 2.01 -22.41 1.51
CA ALA B 59 1.31 -22.16 2.75
C ALA B 59 -0.17 -21.88 2.60
N VAL B 60 -0.90 -22.11 3.67
CA VAL B 60 -2.29 -21.69 3.74
C VAL B 60 -2.44 -20.81 4.95
N CYS B 61 -3.42 -19.91 4.88
CA CYS B 61 -3.72 -19.03 5.98
C CYS B 61 -5.03 -19.47 6.60
N LEU B 62 -5.03 -19.62 7.93
CA LEU B 62 -6.26 -19.91 8.65
C LEU B 62 -6.75 -18.59 9.16
N PHE B 63 -7.86 -18.11 8.60
CA PHE B 63 -8.28 -16.75 8.88
C PHE B 63 -9.49 -16.76 9.77
N TYR B 64 -9.30 -16.32 11.01
CA TYR B 64 -10.43 -16.34 11.93
C TYR B 64 -10.87 -14.92 11.97
N ASP B 65 -12.13 -14.75 11.65
CA ASP B 65 -12.61 -13.45 11.31
C ASP B 65 -13.80 -13.15 12.14
N SER B 66 -13.68 -12.17 13.01
CA SER B 66 -14.86 -11.65 13.71
C SER B 66 -15.19 -10.23 13.31
N GLU B 67 -14.32 -9.60 12.54
CA GLU B 67 -14.57 -8.21 12.08
C GLU B 67 -15.20 -8.03 10.69
N PHE B 68 -14.93 -8.93 9.75
CA PHE B 68 -15.42 -8.79 8.34
C PHE B 68 -14.97 -7.50 7.64
N GLY B 69 -13.75 -7.06 7.91
CA GLY B 69 -13.23 -5.91 7.21
C GLY B 69 -12.23 -6.31 6.14
N ILE B 70 -11.75 -7.54 6.23
CA ILE B 70 -10.71 -7.99 5.35
C ILE B 70 -11.33 -8.95 4.38
N THR B 71 -11.57 -8.44 3.17
CA THR B 71 -12.17 -9.15 2.03
C THR B 71 -11.11 -9.72 1.08
N PRO B 72 -11.48 -10.63 0.16
CA PRO B 72 -10.62 -11.04 -0.92
C PRO B 72 -9.85 -9.88 -1.59
N ALA B 73 -10.55 -8.83 -2.04
CA ALA B 73 -9.91 -7.66 -2.65
C ALA B 73 -8.91 -6.99 -1.73
N TYR B 74 -9.24 -6.86 -0.46
CA TYR B 74 -8.30 -6.25 0.49
C TYR B 74 -7.07 -7.15 0.59
N LEU B 75 -7.31 -8.45 0.71
CA LEU B 75 -6.21 -9.41 0.71
C LEU B 75 -5.29 -9.26 -0.48
N ARG B 76 -5.86 -9.25 -1.70
CA ARG B 76 -5.05 -9.11 -2.90
C ARG B 76 -4.23 -7.84 -2.85
N SER B 77 -4.81 -6.75 -2.35
CA SER B 77 -4.06 -5.50 -2.39
C SER B 77 -2.90 -5.49 -1.43
N MET B 78 -2.98 -6.36 -0.41
CA MET B 78 -1.88 -6.58 0.52
C MET B 78 -1.01 -7.76 0.08
N GLY B 79 -1.33 -8.39 -1.02
CA GLY B 79 -0.42 -9.38 -1.60
C GLY B 79 -0.65 -10.79 -1.09
N VAL B 80 -1.76 -10.98 -0.40
CA VAL B 80 -2.17 -12.31 -0.03
C VAL B 80 -3.12 -12.82 -1.10
N ASP B 81 -2.87 -14.03 -1.56
CA ASP B 81 -3.75 -14.69 -2.48
C ASP B 81 -4.93 -15.29 -1.70
N PRO B 82 -6.14 -14.72 -1.89
CA PRO B 82 -7.32 -15.20 -1.22
C PRO B 82 -7.62 -16.70 -1.45
N GLU B 83 -7.17 -17.26 -2.58
CA GLU B 83 -7.47 -18.68 -2.90
C GLU B 83 -6.83 -19.65 -1.90
N ARG B 84 -5.80 -19.16 -1.20
CA ARG B 84 -5.03 -19.88 -0.21
C ARG B 84 -5.41 -19.51 1.23
N VAL B 85 -6.61 -18.95 1.39
CA VAL B 85 -7.04 -18.50 2.69
C VAL B 85 -8.27 -19.25 3.10
N ILE B 86 -8.22 -19.93 4.23
CA ILE B 86 -9.38 -20.60 4.73
C ILE B 86 -10.02 -19.63 5.69
N HIS B 87 -11.20 -19.17 5.34
CA HIS B 87 -11.87 -18.15 6.09
C HIS B 87 -12.86 -18.74 7.09
N THR B 88 -12.68 -18.46 8.37
CA THR B 88 -13.66 -18.92 9.36
C THR B 88 -14.31 -17.75 10.15
N PRO B 89 -15.56 -17.40 9.83
CA PRO B 89 -16.27 -16.49 10.77
C PRO B 89 -16.36 -17.09 12.20
N VAL B 90 -16.09 -16.24 13.19
CA VAL B 90 -16.28 -16.61 14.57
C VAL B 90 -17.15 -15.56 15.29
N GLN B 91 -18.07 -16.01 16.14
CA GLN B 91 -18.90 -15.13 16.97
C GLN B 91 -18.64 -15.19 18.48
N SER B 92 -17.73 -16.07 18.92
CA SER B 92 -17.39 -16.17 20.35
C SER B 92 -15.99 -16.76 20.55
N LEU B 93 -15.45 -16.62 21.75
CA LEU B 93 -14.17 -17.25 22.08
C LEU B 93 -14.28 -18.79 22.06
N GLU B 94 -15.37 -19.30 22.65
CA GLU B 94 -15.71 -20.74 22.68
C GLU B 94 -15.60 -21.29 21.24
N GLN B 95 -16.41 -20.71 20.36
CA GLN B 95 -16.43 -21.10 18.97
C GLN B 95 -15.05 -21.02 18.31
N LEU B 96 -14.35 -19.91 18.54
CA LEU B 96 -12.97 -19.75 18.05
C LEU B 96 -12.01 -20.81 18.57
N ARG B 97 -12.11 -21.12 19.88
CA ARG B 97 -11.31 -22.18 20.52
C ARG B 97 -11.58 -23.48 19.80
N ILE B 98 -12.87 -23.77 19.66
CA ILE B 98 -13.29 -25.02 19.06
C ILE B 98 -12.66 -25.23 17.68
N ASP B 99 -12.89 -24.29 16.75
CA ASP B 99 -12.36 -24.38 15.38
C ASP B 99 -10.86 -24.36 15.29
N MET B 100 -10.22 -23.44 16.01
CA MET B 100 -8.77 -23.45 16.05
C MET B 100 -8.23 -24.83 16.50
N VAL B 101 -8.72 -25.38 17.62
CA VAL B 101 -8.23 -26.69 18.12
C VAL B 101 -8.44 -27.79 17.06
N ASN B 102 -9.64 -27.78 16.47
CA ASN B 102 -9.98 -28.70 15.39
C ASN B 102 -9.10 -28.63 14.14
N GLN B 103 -8.68 -27.43 13.79
CA GLN B 103 -7.92 -27.23 12.56
C GLN B 103 -6.44 -27.30 12.81
N LEU B 104 -5.99 -26.74 13.93
CA LEU B 104 -4.65 -26.98 14.46
C LEU B 104 -4.38 -28.47 14.60
N ASP B 105 -5.37 -29.22 15.09
CA ASP B 105 -5.20 -30.67 15.29
C ASP B 105 -4.93 -31.42 13.97
N ALA B 106 -5.68 -31.02 12.94
CA ALA B 106 -5.65 -31.66 11.60
C ALA B 106 -4.35 -31.49 10.77
N ILE B 107 -3.38 -30.72 11.29
CA ILE B 107 -2.16 -30.35 10.55
C ILE B 107 -0.99 -31.26 10.92
N GLU B 108 -0.24 -31.75 9.93
CA GLU B 108 1.03 -32.46 10.20
C GLU B 108 2.21 -31.54 10.13
N ARG B 109 3.22 -31.81 10.97
CA ARG B 109 4.45 -30.97 11.03
C ARG B 109 5.02 -30.90 9.61
N GLY B 110 5.71 -29.80 9.32
CA GLY B 110 6.20 -29.57 7.96
C GLY B 110 5.25 -28.84 7.01
N GLU B 111 3.93 -29.05 7.16
CA GLU B 111 2.90 -28.26 6.47
C GLU B 111 2.98 -26.79 6.89
N LYS B 112 3.00 -25.88 5.91
CA LYS B 112 3.14 -24.48 6.26
C LYS B 112 1.76 -23.87 6.45
N VAL B 113 1.54 -23.24 7.61
CA VAL B 113 0.24 -22.63 7.90
C VAL B 113 0.45 -21.39 8.73
N VAL B 114 -0.21 -20.29 8.39
CA VAL B 114 -0.18 -19.11 9.23
C VAL B 114 -1.58 -18.86 9.66
N VAL B 115 -1.72 -18.46 10.92
CA VAL B 115 -3.05 -18.18 11.51
C VAL B 115 -3.18 -16.69 11.69
N PHE B 116 -4.32 -16.15 11.28
CA PHE B 116 -4.53 -14.73 11.41
C PHE B 116 -5.85 -14.57 12.06
N ILE B 117 -5.90 -13.83 13.15
CA ILE B 117 -7.15 -13.65 13.88
C ILE B 117 -7.47 -12.18 13.87
N ASP B 118 -8.58 -11.82 13.21
CA ASP B 118 -9.11 -10.46 13.21
C ASP B 118 -10.52 -10.55 13.78
N SER B 119 -10.66 -9.74 14.84
CA SER B 119 -10.03 -9.90 16.14
C SER B 119 -10.57 -10.55 17.41
N LEU B 120 -9.78 -10.40 18.47
CA LEU B 120 -10.03 -11.09 19.74
C LEU B 120 -10.96 -10.35 20.68
N GLY B 121 -10.87 -9.03 20.73
CA GLY B 121 -11.49 -8.23 21.75
C GLY B 121 -12.97 -8.04 21.62
N ASN B 122 -13.58 -8.45 20.51
CA ASN B 122 -15.03 -8.25 20.37
C ASN B 122 -15.76 -9.57 20.46
N LEU B 123 -15.07 -10.60 20.91
CA LEU B 123 -15.72 -11.88 21.00
C LEU B 123 -16.21 -12.12 22.46
N ALA B 124 -17.52 -12.30 22.60
CA ALA B 124 -18.12 -12.82 23.81
C ALA B 124 -17.55 -14.21 24.14
N SER B 125 -17.51 -14.55 25.43
CA SER B 125 -17.14 -15.91 25.88
C SER B 125 -17.93 -17.01 25.18
N LYS B 126 -19.24 -16.99 25.38
CA LYS B 126 -20.06 -17.98 24.75
C LYS B 126 -21.23 -17.28 24.06
N THR B 142 -15.90 -12.52 32.67
CA THR B 142 -14.91 -13.63 32.71
C THR B 142 -14.27 -13.77 31.32
N ARG B 143 -14.40 -12.71 30.52
CA ARG B 143 -13.93 -12.63 29.12
C ARG B 143 -12.41 -12.75 29.07
N ALA B 144 -11.77 -12.07 30.01
CA ALA B 144 -10.33 -12.03 30.06
C ALA B 144 -9.72 -13.37 30.51
N LYS B 145 -10.33 -14.00 31.53
CA LYS B 145 -10.01 -15.36 31.95
C LYS B 145 -10.30 -16.37 30.82
N THR B 146 -11.42 -16.27 30.12
CA THR B 146 -11.67 -17.17 28.94
C THR B 146 -10.58 -17.02 27.86
N MET B 147 -10.14 -15.79 27.68
CA MET B 147 -9.09 -15.48 26.75
C MET B 147 -7.73 -16.17 27.09
N LYS B 148 -7.32 -16.05 28.34
CA LYS B 148 -6.09 -16.64 28.83
C LYS B 148 -6.03 -18.16 28.62
N SER B 149 -7.12 -18.87 28.94
CA SER B 149 -7.28 -20.30 28.62
C SER B 149 -7.11 -20.58 27.13
N LEU B 150 -7.82 -19.83 26.27
CA LEU B 150 -7.73 -20.08 24.83
C LEU B 150 -6.27 -20.06 24.45
N PHE B 151 -5.52 -19.08 24.96
CA PHE B 151 -4.13 -18.97 24.56
C PHE B 151 -3.38 -20.18 25.04
N ARG B 152 -3.58 -20.52 26.34
CA ARG B 152 -2.86 -21.65 26.99
C ARG B 152 -3.29 -22.93 26.26
N ILE B 153 -4.52 -22.95 25.76
CA ILE B 153 -4.96 -24.08 24.91
C ILE B 153 -4.27 -24.17 23.53
N VAL B 154 -4.14 -23.03 22.82
CA VAL B 154 -3.67 -23.07 21.42
C VAL B 154 -2.16 -23.01 21.25
N THR B 155 -1.44 -22.36 22.20
CA THR B 155 -0.04 -22.11 21.97
C THR B 155 0.84 -23.37 21.89
N PRO B 156 0.45 -24.47 22.56
CA PRO B 156 1.29 -25.67 22.37
C PRO B 156 1.30 -26.19 20.93
N TYR B 157 0.16 -26.04 20.23
CA TYR B 157 0.09 -26.43 18.82
C TYR B 157 1.05 -25.61 17.98
N PHE B 158 1.11 -24.30 18.23
CA PHE B 158 2.00 -23.42 17.45
C PHE B 158 3.43 -23.85 17.59
N SER B 159 3.84 -24.31 18.79
CA SER B 159 5.24 -24.63 18.94
C SER B 159 5.51 -26.03 18.40
N THR B 160 4.62 -26.95 18.72
CA THR B 160 4.71 -28.31 18.20
C THR B 160 4.72 -28.35 16.65
N LYS B 161 3.74 -27.66 16.06
CA LYS B 161 3.56 -27.67 14.60
C LYS B 161 4.34 -26.62 13.85
N ASN B 162 5.10 -25.81 14.59
CA ASN B 162 5.92 -24.76 14.01
C ASN B 162 5.18 -23.78 13.08
N ILE B 163 4.11 -23.18 13.59
CA ILE B 163 3.38 -22.21 12.82
C ILE B 163 3.26 -20.89 13.56
N PRO B 164 3.25 -19.76 12.80
CA PRO B 164 3.01 -18.46 13.42
C PRO B 164 1.51 -18.15 13.46
N CYS B 165 1.12 -17.36 14.45
CA CYS B 165 -0.25 -16.94 14.64
C CYS B 165 -0.17 -15.50 14.99
N ILE B 166 -0.95 -14.70 14.27
CA ILE B 166 -0.91 -13.27 14.40
C ILE B 166 -2.31 -12.94 14.83
N ALA B 167 -2.46 -12.30 15.97
CA ALA B 167 -3.79 -12.10 16.50
C ALA B 167 -3.94 -10.61 16.74
N ILE B 168 -5.05 -10.06 16.28
CA ILE B 168 -5.34 -8.67 16.51
C ILE B 168 -6.19 -8.55 17.74
N ASN B 169 -5.80 -7.61 18.60
CA ASN B 169 -6.58 -7.26 19.75
C ASN B 169 -6.72 -5.76 19.91
N HIS B 170 -7.88 -5.19 19.61
CA HIS B 170 -8.10 -3.77 19.80
C HIS B 170 -8.32 -3.44 21.30
N THR B 171 -7.77 -2.32 21.74
CA THR B 171 -7.97 -1.71 23.05
C THR B 171 -9.11 -0.70 22.96
N TYR B 172 -10.14 -0.82 23.82
CA TYR B 172 -11.34 0.07 23.80
C TYR B 172 -11.39 1.07 24.95
N THR B 187 -0.46 -11.35 35.01
CA THR B 187 -1.69 -12.16 35.09
C THR B 187 -2.61 -11.98 33.88
N GLY B 188 -2.48 -10.86 33.18
CA GLY B 188 -3.34 -10.62 32.02
C GLY B 188 -3.14 -11.70 30.96
N PRO B 189 -4.20 -12.01 30.16
CA PRO B 189 -4.14 -13.03 29.09
C PRO B 189 -3.01 -12.84 28.09
N MET B 190 -2.54 -11.61 27.94
CA MET B 190 -1.52 -11.31 26.97
C MET B 190 -0.17 -11.84 27.34
N TYR B 191 0.04 -12.06 28.64
CA TYR B 191 1.21 -12.78 29.10
C TYR B 191 1.15 -14.26 28.75
N SER B 192 0.08 -14.71 28.14
CA SER B 192 0.07 -16.10 27.71
C SER B 192 0.37 -16.20 26.22
N ALA B 193 0.74 -15.07 25.63
CA ALA B 193 1.15 -15.04 24.22
C ALA B 193 2.63 -15.25 24.22
N ASP B 194 3.23 -15.53 23.06
CA ASP B 194 4.70 -15.51 22.94
C ASP B 194 5.26 -14.14 22.68
N THR B 195 4.47 -13.24 22.14
CA THR B 195 5.02 -11.93 21.68
C THR B 195 3.89 -10.93 21.66
N VAL B 196 4.09 -9.80 22.27
CA VAL B 196 3.05 -8.82 22.31
C VAL B 196 3.63 -7.51 21.80
N PHE B 197 2.99 -6.91 20.78
CA PHE B 197 3.30 -5.57 20.35
C PHE B 197 2.11 -4.69 20.70
N ILE B 198 2.37 -3.64 21.47
CA ILE B 198 1.41 -2.57 21.69
C ILE B 198 1.70 -1.44 20.67
N ILE B 199 0.69 -1.13 19.87
CA ILE B 199 0.80 -0.13 18.81
C ILE B 199 -0.06 1.10 19.12
N GLY B 200 0.56 2.27 19.17
CA GLY B 200 -0.17 3.53 19.38
C GLY B 200 0.30 4.65 18.46
N LYS B 201 -0.40 5.78 18.47
CA LYS B 201 0.04 6.96 17.70
C LYS B 201 1.22 7.67 18.42
N ARG B 202 2.29 8.01 17.70
CA ARG B 202 3.30 8.86 18.30
C ARG B 202 2.77 10.28 18.43
N GLN B 214 2.26 8.37 11.77
CA GLN B 214 3.32 7.71 12.53
C GLN B 214 2.85 6.99 13.82
N PHE B 215 3.26 5.73 13.94
CA PHE B 215 2.89 4.93 15.11
C PHE B 215 4.13 4.44 15.83
N VAL B 216 3.99 4.18 17.10
CA VAL B 216 5.06 3.59 17.88
C VAL B 216 4.67 2.15 18.24
N LEU B 217 5.59 1.22 18.01
CA LEU B 217 5.41 -0.16 18.38
C LEU B 217 6.21 -0.45 19.66
N ASN B 218 5.53 -0.77 20.74
CA ASN B 218 6.21 -1.11 21.99
C ASN B 218 6.26 -2.64 22.11
N VAL B 219 7.44 -3.21 22.26
CA VAL B 219 7.55 -4.65 22.51
C VAL B 219 7.29 -4.95 24.03
N GLU B 220 6.14 -5.54 24.32
CA GLU B 220 5.70 -5.65 25.69
C GLU B 220 6.15 -6.99 26.22
N LYS B 221 6.12 -7.98 25.31
CA LYS B 221 6.65 -9.29 25.61
C LYS B 221 7.25 -9.89 24.37
N SER B 222 8.38 -10.57 24.56
CA SER B 222 9.10 -11.21 23.50
C SER B 222 10.15 -12.21 23.94
N ARG B 223 10.29 -13.24 23.14
CA ARG B 223 11.36 -14.21 23.22
C ARG B 223 12.70 -13.70 22.69
N THR B 224 12.68 -12.71 21.80
CA THR B 224 13.90 -12.34 21.06
C THR B 224 14.43 -10.92 21.28
N VAL B 225 13.55 -9.96 21.51
CA VAL B 225 14.01 -8.59 21.67
C VAL B 225 13.74 -8.06 23.08
N LYS B 226 14.52 -7.10 23.53
CA LYS B 226 14.33 -6.54 24.88
C LYS B 226 12.96 -5.91 25.07
N GLU B 227 12.34 -6.16 26.22
CA GLU B 227 11.05 -5.59 26.52
C GLU B 227 11.13 -4.09 26.62
N LYS B 228 10.01 -3.45 26.33
CA LYS B 228 9.96 -1.98 26.30
C LYS B 228 10.70 -1.35 25.11
N SER B 229 11.27 -2.13 24.19
CA SER B 229 11.80 -1.54 22.97
C SER B 229 10.67 -0.82 22.19
N LYS B 230 11.01 0.37 21.72
CA LYS B 230 10.10 1.23 20.99
C LYS B 230 10.60 1.24 19.57
N PHE B 231 9.70 1.08 18.60
CA PHE B 231 10.06 1.18 17.19
C PHE B 231 9.08 2.11 16.50
N PHE B 232 9.57 2.86 15.51
CA PHE B 232 8.70 3.81 14.80
C PHE B 232 8.24 3.27 13.49
N ILE B 233 6.93 3.30 13.32
CA ILE B 233 6.33 2.78 12.12
C ILE B 233 5.59 3.95 11.47
N ASP B 234 5.98 4.30 10.25
CA ASP B 234 5.12 5.26 9.56
C ASP B 234 4.23 4.76 8.44
N VAL B 235 3.08 5.42 8.41
CA VAL B 235 2.09 5.22 7.39
C VAL B 235 1.80 6.59 6.80
N LYS B 236 2.19 6.71 5.53
CA LYS B 236 2.06 7.96 4.79
C LYS B 236 0.58 8.32 4.54
N PHE B 237 0.35 9.48 3.95
CA PHE B 237 -0.99 9.97 3.68
C PHE B 237 -1.81 9.04 2.75
N ASP B 238 -1.12 8.25 1.91
CA ASP B 238 -1.74 7.39 0.88
C ASP B 238 -2.07 5.98 1.38
N GLY B 239 -2.04 5.83 2.71
CA GLY B 239 -2.14 4.53 3.36
C GLY B 239 -0.86 3.72 3.23
N GLY B 240 0.16 4.33 2.61
CA GLY B 240 1.51 3.75 2.49
C GLY B 240 2.27 3.37 3.78
N ILE B 241 2.42 2.05 4.01
CA ILE B 241 3.25 1.38 5.06
C ILE B 241 4.80 1.46 4.89
N ASP B 242 5.35 2.65 5.11
CA ASP B 242 6.74 2.97 4.78
C ASP B 242 7.81 1.92 5.18
N PRO B 243 8.51 1.34 4.16
CA PRO B 243 9.56 0.35 4.42
C PRO B 243 10.86 0.99 4.99
N TYR B 244 10.90 2.32 4.99
CA TYR B 244 11.99 3.07 5.61
C TYR B 244 11.62 3.57 7.01
N SER B 245 10.44 3.17 7.48
CA SER B 245 10.01 3.46 8.85
C SER B 245 11.17 3.36 9.86
N GLY B 246 11.42 4.49 10.54
CA GLY B 246 12.24 4.53 11.75
C GLY B 246 13.74 4.44 11.55
N LEU B 247 14.18 4.11 10.33
CA LEU B 247 15.58 3.79 10.12
C LEU B 247 16.44 4.99 10.40
N LEU B 248 15.92 6.16 10.08
CA LEU B 248 16.65 7.38 10.27
C LEU B 248 16.87 7.68 11.77
N ASP B 249 15.81 7.57 12.56
CA ASP B 249 15.88 7.83 14.01
C ASP B 249 16.86 6.87 14.68
N MET B 250 16.65 5.58 14.40
CA MET B 250 17.48 4.55 14.93
C MET B 250 18.95 4.74 14.56
N ALA B 251 19.27 5.04 13.30
CA ALA B 251 20.66 5.24 12.94
C ALA B 251 21.30 6.44 13.66
N LEU B 252 20.45 7.44 13.94
CA LEU B 252 20.87 8.66 14.64
C LEU B 252 21.21 8.29 16.06
N GLU B 253 20.35 7.46 16.66
CA GLU B 253 20.55 6.85 17.97
C GLU B 253 21.82 6.04 18.03
N LEU B 254 22.01 5.17 17.05
CA LEU B 254 23.17 4.31 17.06
C LEU B 254 24.44 4.99 16.65
N GLY B 255 24.35 6.25 16.20
CA GLY B 255 25.52 7.02 15.73
C GLY B 255 25.99 6.77 14.30
N PHE B 256 25.23 6.01 13.52
CA PHE B 256 25.60 5.78 12.11
C PHE B 256 25.05 6.82 11.14
N VAL B 257 24.06 7.60 11.59
CA VAL B 257 23.72 8.84 10.93
C VAL B 257 23.87 10.04 11.86
N VAL B 258 24.38 11.14 11.33
CA VAL B 258 24.52 12.39 12.08
C VAL B 258 23.84 13.54 11.33
N LYS B 259 23.77 14.71 11.97
CA LYS B 259 23.24 15.92 11.32
C LYS B 259 24.31 16.98 11.29
N PRO B 260 24.96 17.16 10.12
CA PRO B 260 25.99 18.19 10.00
C PRO B 260 25.45 19.59 10.35
N LYS B 261 24.41 20.02 9.63
CA LYS B 261 23.65 21.22 9.99
C LYS B 261 22.21 20.74 10.15
N ASN B 262 21.29 21.66 10.47
CA ASN B 262 19.89 21.25 10.62
C ASN B 262 19.17 20.99 9.27
N GLY B 263 18.37 19.94 9.24
CA GLY B 263 17.74 19.49 8.01
C GLY B 263 18.65 18.72 7.06
N TRP B 264 19.97 18.68 7.33
CA TRP B 264 20.92 17.83 6.56
C TRP B 264 21.39 16.57 7.33
N TYR B 265 21.52 15.43 6.63
CA TYR B 265 21.95 14.17 7.25
C TYR B 265 23.12 13.50 6.55
N ALA B 266 24.07 12.98 7.33
CA ALA B 266 25.20 12.27 6.77
C ALA B 266 25.39 10.87 7.37
N ARG B 267 25.78 9.91 6.53
CA ARG B 267 26.17 8.61 7.03
C ARG B 267 27.59 8.62 7.58
N GLU B 268 27.81 7.87 8.66
CA GLU B 268 29.16 7.64 9.19
C GLU B 268 29.42 6.15 9.20
N PHE B 269 30.64 5.76 8.86
CA PHE B 269 31.01 4.36 8.85
C PHE B 269 32.22 4.14 9.75
N LEU B 270 32.26 2.97 10.35
CA LEU B 270 33.30 2.69 11.29
C LEU B 270 34.47 2.07 10.59
N ASP B 271 35.58 2.80 10.58
CA ASP B 271 36.83 2.23 10.16
C ASP B 271 37.27 1.31 11.28
N GLU B 272 37.11 0.02 11.04
CA GLU B 272 37.28 -0.98 12.10
C GLU B 272 38.75 -1.15 12.57
N GLU B 273 39.70 -0.65 11.77
CA GLU B 273 41.10 -0.65 12.19
C GLU B 273 41.54 0.55 13.07
N THR B 274 41.03 1.74 12.77
CA THR B 274 41.38 2.94 13.56
C THR B 274 40.35 3.19 14.69
N GLY B 275 39.25 2.45 14.66
CA GLY B 275 38.14 2.71 15.54
C GLY B 275 37.40 4.04 15.33
N GLU B 276 37.72 4.74 14.25
CA GLU B 276 37.16 6.07 13.91
C GLU B 276 35.83 6.01 13.12
N MET B 277 34.92 6.96 13.36
CA MET B 277 33.69 7.05 12.63
C MET B 277 33.88 8.02 11.45
N ILE B 278 33.92 7.51 10.23
CA ILE B 278 34.25 8.32 9.07
C ILE B 278 32.99 8.82 8.36
N ARG B 279 32.77 10.13 8.37
CA ARG B 279 31.69 10.75 7.58
C ARG B 279 31.87 10.48 6.12
N GLU B 280 30.76 10.26 5.42
CA GLU B 280 30.73 10.36 3.96
C GLU B 280 30.85 11.83 3.52
N GLU B 281 31.17 12.05 2.25
CA GLU B 281 31.35 13.42 1.70
C GLU B 281 30.04 14.23 1.66
N LYS B 282 28.99 13.61 1.11
CA LYS B 282 27.73 14.31 0.83
C LYS B 282 26.75 14.33 1.99
N SER B 283 25.93 15.39 2.06
CA SER B 283 24.78 15.44 2.98
C SER B 283 23.46 15.27 2.22
N TRP B 284 22.39 14.98 2.96
CA TRP B 284 21.11 14.61 2.39
C TRP B 284 19.98 15.12 3.28
N ARG B 285 18.90 15.63 2.66
CA ARG B 285 17.69 16.02 3.39
C ARG B 285 16.99 14.73 3.65
N ALA B 286 16.05 14.71 4.60
CA ALA B 286 15.42 13.47 5.05
C ALA B 286 14.82 12.66 3.90
N LYS B 287 14.30 13.40 2.92
CA LYS B 287 13.50 12.81 1.86
C LYS B 287 14.36 12.06 0.83
N ASP B 288 15.58 12.56 0.63
CA ASP B 288 16.63 11.87 -0.13
C ASP B 288 17.09 10.52 0.49
N THR B 289 16.80 10.30 1.76
CA THR B 289 17.34 9.11 2.45
C THR B 289 16.54 7.81 2.21
N ASN B 290 15.25 7.93 1.90
CA ASN B 290 14.40 6.75 1.61
C ASN B 290 14.66 6.12 0.25
N CYS B 291 15.81 5.46 0.12
CA CYS B 291 16.34 4.93 -1.13
C CYS B 291 17.41 3.90 -0.81
N THR B 292 17.52 2.91 -1.67
CA THR B 292 18.49 1.85 -1.48
C THR B 292 19.90 2.37 -1.59
N THR B 293 20.08 3.53 -2.21
CA THR B 293 21.43 4.02 -2.40
C THR B 293 21.92 4.58 -1.06
N PHE B 294 20.99 5.07 -0.25
CA PHE B 294 21.29 5.54 1.12
C PHE B 294 21.52 4.38 2.11
N TRP B 295 20.49 3.55 2.31
CA TRP B 295 20.46 2.51 3.34
C TRP B 295 21.31 1.30 3.04
N GLY B 296 21.43 1.00 1.75
CA GLY B 296 22.20 -0.14 1.28
C GLY B 296 23.62 -0.29 1.77
N PRO B 297 24.46 0.77 1.61
CA PRO B 297 25.82 0.66 2.12
C PRO B 297 25.86 0.50 3.65
N LEU B 298 24.87 1.04 4.36
CA LEU B 298 24.72 0.87 5.82
C LEU B 298 24.32 -0.55 6.18
N PHE B 299 23.31 -1.09 5.48
CA PHE B 299 22.85 -2.47 5.73
C PHE B 299 23.98 -3.48 5.52
N LYS B 300 24.88 -3.20 4.56
CA LYS B 300 26.07 -4.02 4.25
C LYS B 300 27.19 -3.85 5.28
N HIS B 301 27.07 -2.83 6.11
CA HIS B 301 28.15 -2.46 7.01
C HIS B 301 27.96 -3.23 8.33
N GLN B 302 28.76 -4.25 8.58
CA GLN B 302 28.59 -5.10 9.80
C GLN B 302 28.49 -4.35 11.14
N PRO B 303 29.26 -3.27 11.32
CA PRO B 303 29.10 -2.48 12.55
C PRO B 303 27.72 -1.90 12.75
N PHE B 304 27.02 -1.60 11.68
CA PHE B 304 25.70 -1.06 11.81
C PHE B 304 24.77 -2.20 12.17
N ARG B 305 24.90 -3.31 11.46
CA ARG B 305 24.11 -4.51 11.79
C ARG B 305 24.33 -4.90 13.24
N ASP B 306 25.56 -4.88 13.68
CA ASP B 306 25.84 -5.27 15.07
C ASP B 306 25.26 -4.32 16.08
N ALA B 307 25.39 -3.01 15.82
CA ALA B 307 24.85 -2.01 16.77
C ALA B 307 23.36 -2.22 16.99
N ILE B 308 22.69 -2.67 15.94
CA ILE B 308 21.27 -2.94 16.00
C ILE B 308 20.96 -4.12 16.89
N LYS B 309 21.66 -5.24 16.71
CA LYS B 309 21.46 -6.39 17.63
C LYS B 309 21.68 -6.00 19.07
N ARG B 310 22.83 -5.39 19.34
CA ARG B 310 23.11 -4.96 20.69
C ARG B 310 22.07 -4.06 21.35
N ALA B 311 21.43 -3.20 20.56
CA ALA B 311 20.41 -2.37 21.17
C ALA B 311 19.11 -3.13 21.39
N TYR B 312 18.86 -4.17 20.58
CA TYR B 312 17.51 -4.75 20.56
C TYR B 312 17.43 -6.22 20.82
N GLN B 313 18.41 -6.99 20.39
CA GLN B 313 18.29 -8.41 20.53
C GLN B 313 18.60 -8.86 22.00
N LEU B 314 17.76 -9.71 22.57
CA LEU B 314 18.13 -10.29 23.87
C LEU B 314 19.55 -10.84 23.76
N GLY B 315 20.41 -10.34 24.65
CA GLY B 315 21.83 -10.69 24.73
C GLY B 315 22.14 -12.18 24.61
N ALA B 316 21.30 -13.00 25.24
CA ALA B 316 21.56 -14.43 25.32
C ALA B 316 21.19 -15.22 24.04
N ILE B 317 21.06 -14.52 22.91
CA ILE B 317 21.13 -15.19 21.61
C ILE B 317 22.23 -14.62 20.67
P PO4 C . -9.66 -5.34 -10.01
O1 PO4 C . -10.52 -6.55 -9.97
O2 PO4 C . -9.12 -5.28 -11.39
O3 PO4 C . -10.31 -4.09 -9.57
O4 PO4 C . -8.44 -5.51 -9.17
P PO4 D . -6.38 -1.33 12.96
O1 PO4 D . -6.37 -2.77 12.59
O2 PO4 D . -6.05 -0.42 11.79
O3 PO4 D . -7.72 -1.01 13.52
O4 PO4 D . -5.28 -1.02 13.91
#